data_6E3S
#
_entry.id   6E3S
#
_cell.length_a   49.009
_cell.length_b   97.895
_cell.length_c   77.965
_cell.angle_alpha   90.00
_cell.angle_beta   107.43
_cell.angle_gamma   90.00
#
_symmetry.space_group_name_H-M   'P 1 21 1'
#
loop_
_entity.id
_entity.type
_entity.pdbx_description
1 polymer 'Aryl hydrocarbon receptor nuclear translocator'
2 polymer 'Endothelial PAS domain-containing protein 1'
3 non-polymer 3-{[(1S)-2,2-difluoro-1-hydroxy-7-(methylsulfonyl)-2,3-dihydro-1H-inden-4-yl]oxy}-5-fluorobenzonitrile
#
loop_
_entity_poly.entity_id
_entity_poly.type
_entity_poly.pdbx_seq_one_letter_code
_entity_poly.pdbx_strand_id
1 'polypeptide(L)'
;MSSADKERLARENHSEIERRRRNKMTAYITELSDMVPTCSALARKPDKLTILRMAVSHMKSLRGTGNTSTDGSYKPSFLT
DQELKHLILEAADGFLFIVSCETGRVVYVSDSVTPVLNQPQSEWFGSTLYDQVHPDDVDKLREQLSTSENALTGRVLDLK
TGTVKKEGQQSSMRMCMGSRRSFICRMRCGTSSVDPVSMNRLSFLRNRCRNGLGSVKEGEPHFVVVHCTGYIKAWPPAGV
SLPDDDPEAGQGSKFCLVAIGRLQVTSSPNCTDMSNICQPTEFISRHNIEGIFTFVDHRCVATVGYQPQELLGKNIVEFC
HPEDQQLLRDSFQQVVKLKGQVLSVMFRFRSKTREWLWMRTSSFTFQNPYSDEIEYIICTNTNV
;
A
2 'polypeptide(L)'
;MADKEKKRSSSELRKEKSRDAARCRRSKETEVFYELAHELPLPHSVSSHLDKASIMRLAISFLRTHKLLSSVCSENESEA
EADQQMDNLYLKALEGFIAVVTQDGDMIFLSENISKFMGLTQVELTGHSIFDFTHPCDHEEIRENLTLKNGSGFGKKSKD
VSTERDFFMRMKCTVTNRGRTVNLKSATWKVLHCTGQVRVYNNCPPHSSLCGSKEPLLSCLIIMCEPIQHPSHMDIPLDS
KTFLSRHSMDMKFTYCDDRILELIGYHPEELLGRSAYEFYHALDSENMTKSHQNLCTKGQVVSGQYRMLAKHGGYVALET
QGTVIYNPRNLQPQCIMCVNYVLSEIEKNDVVFSMDQTESLEHHHHHH
;
B
#
# COMPACT_ATOMS: atom_id res chain seq x y z
N GLU A 18 -0.48 14.91 -42.23
CA GLU A 18 -0.09 15.96 -41.30
C GLU A 18 1.40 16.30 -41.42
N ARG A 19 1.80 17.45 -40.87
CA ARG A 19 3.19 17.88 -40.90
C ARG A 19 4.00 17.22 -39.80
N ARG A 20 3.55 17.35 -38.54
CA ARG A 20 4.33 16.83 -37.43
C ARG A 20 4.34 15.31 -37.37
N ARG A 21 3.42 14.64 -38.07
CA ARG A 21 3.47 13.19 -38.18
C ARG A 21 4.88 12.73 -38.56
N ARG A 22 5.37 13.24 -39.67
CA ARG A 22 6.71 12.91 -40.13
C ARG A 22 7.75 13.38 -39.12
N ASN A 23 7.50 14.52 -38.47
CA ASN A 23 8.47 15.07 -37.53
C ASN A 23 8.68 14.17 -36.33
N LYS A 24 7.60 13.52 -35.84
CA LYS A 24 7.77 12.61 -34.73
C LYS A 24 8.28 11.25 -35.17
N MET A 25 7.98 10.83 -36.40
CA MET A 25 8.66 9.65 -36.91
C MET A 25 10.18 9.89 -36.96
N THR A 26 10.59 11.10 -37.34
CA THR A 26 12.02 11.44 -37.34
C THR A 26 12.58 11.52 -35.93
N ALA A 27 11.83 12.09 -34.98
CA ALA A 27 12.31 12.15 -33.61
C ALA A 27 12.49 10.74 -33.04
N TYR A 28 11.59 9.83 -33.41
CA TYR A 28 11.78 8.41 -33.13
C TYR A 28 13.08 7.90 -33.73
N ILE A 29 13.31 8.18 -35.02
CA ILE A 29 14.51 7.68 -35.69
C ILE A 29 15.77 8.20 -34.99
N THR A 30 15.83 9.50 -34.77
CA THR A 30 16.94 10.11 -34.03
C THR A 30 17.13 9.42 -32.69
N GLU A 31 16.04 9.28 -31.93
CA GLU A 31 16.07 8.60 -30.64
C GLU A 31 16.70 7.21 -30.75
N LEU A 32 16.30 6.47 -31.78
CA LEU A 32 16.87 5.16 -32.08
C LEU A 32 18.38 5.25 -32.26
N SER A 33 18.84 6.13 -33.16
CA SER A 33 20.27 6.21 -33.42
C SER A 33 21.04 6.58 -32.15
N ASP A 34 20.46 7.45 -31.32
CA ASP A 34 21.11 7.82 -30.05
C ASP A 34 21.18 6.64 -29.09
N MET A 35 20.29 5.66 -29.23
CA MET A 35 20.35 4.51 -28.32
C MET A 35 21.08 3.29 -28.90
N VAL A 36 21.32 3.21 -30.20
CA VAL A 36 22.03 2.07 -30.79
C VAL A 36 23.52 2.43 -30.88
N PRO A 37 24.38 1.86 -30.03
CA PRO A 37 25.76 2.36 -29.95
C PRO A 37 26.60 2.07 -31.19
N THR A 38 26.41 0.94 -31.87
CA THR A 38 27.14 0.74 -33.12
C THR A 38 26.71 1.79 -34.14
N CYS A 39 25.48 2.23 -34.06
CA CYS A 39 25.01 3.32 -34.87
C CYS A 39 25.41 4.66 -34.25
N PRO A 46 23.59 7.99 -40.39
CA PRO A 46 23.07 7.10 -41.42
C PRO A 46 21.62 7.40 -41.77
N ASP A 47 21.04 6.64 -42.70
CA ASP A 47 19.71 6.96 -43.19
C ASP A 47 18.66 6.10 -42.53
N LYS A 48 17.47 6.11 -43.12
CA LYS A 48 16.33 5.44 -42.51
C LYS A 48 16.45 3.93 -42.63
N LEU A 49 16.58 3.42 -43.85
CA LEU A 49 16.72 1.98 -44.05
C LEU A 49 17.81 1.42 -43.17
N THR A 50 18.94 2.13 -43.10
CA THR A 50 20.08 1.64 -42.34
C THR A 50 19.73 1.51 -40.87
N ILE A 51 19.49 2.61 -40.13
CA ILE A 51 19.18 2.52 -38.70
C ILE A 51 18.06 1.51 -38.47
N LEU A 52 17.05 1.50 -39.35
CA LEU A 52 16.05 0.44 -39.30
C LEU A 52 16.69 -0.95 -39.22
N ARG A 53 17.83 -1.14 -39.91
CA ARG A 53 18.44 -2.46 -39.95
C ARG A 53 19.60 -2.65 -38.96
N MET A 54 20.27 -1.57 -38.55
CA MET A 54 21.26 -1.62 -37.48
C MET A 54 20.62 -1.92 -36.14
N ALA A 55 19.49 -1.28 -35.87
CA ALA A 55 18.67 -1.70 -34.75
C ALA A 55 18.38 -3.19 -34.84
N VAL A 56 17.96 -3.67 -36.02
CA VAL A 56 17.65 -5.09 -36.19
C VAL A 56 18.81 -5.97 -35.74
N SER A 57 20.02 -5.66 -36.21
CA SER A 57 21.15 -6.49 -35.83
C SER A 57 21.55 -6.31 -34.39
N HIS A 58 21.37 -5.09 -33.86
CA HIS A 58 21.81 -4.80 -32.50
C HIS A 58 20.87 -5.42 -31.48
N MET A 59 19.58 -5.58 -31.80
CA MET A 59 18.73 -6.38 -30.94
C MET A 59 18.87 -7.86 -31.25
N LYS A 60 19.25 -8.19 -32.49
CA LYS A 60 19.54 -9.57 -32.82
C LYS A 60 20.72 -10.08 -32.00
N SER A 61 21.59 -9.17 -31.57
CA SER A 61 22.61 -9.51 -30.59
C SER A 61 21.98 -9.96 -29.28
N LEU A 62 21.17 -9.11 -28.67
CA LEU A 62 20.52 -9.43 -27.40
C LEU A 62 19.39 -10.45 -27.56
N LEU A 79 10.90 -9.14 -22.78
CA LEU A 79 11.56 -9.12 -21.48
C LEU A 79 12.17 -10.46 -21.03
N THR A 80 13.35 -10.39 -20.44
CA THR A 80 14.06 -11.60 -20.06
C THR A 80 13.32 -12.31 -18.93
N ASP A 81 13.58 -13.61 -18.81
CA ASP A 81 12.86 -14.48 -17.87
C ASP A 81 13.34 -14.26 -16.44
N GLN A 82 14.58 -14.63 -16.14
CA GLN A 82 15.14 -14.40 -14.82
C GLN A 82 15.23 -12.92 -14.46
N GLU A 83 15.01 -12.00 -15.41
CA GLU A 83 15.18 -10.59 -15.10
C GLU A 83 13.91 -9.96 -14.55
N LEU A 84 12.77 -10.31 -15.13
CA LEU A 84 11.45 -10.06 -14.54
C LEU A 84 11.49 -10.24 -13.03
N LYS A 85 12.16 -11.32 -12.59
CA LYS A 85 12.45 -11.54 -11.19
C LYS A 85 13.10 -10.31 -10.53
N HIS A 86 14.16 -9.79 -11.14
CA HIS A 86 14.88 -8.64 -10.57
C HIS A 86 14.00 -7.40 -10.59
N LEU A 87 13.07 -7.35 -11.53
CA LEU A 87 12.12 -6.25 -11.58
C LEU A 87 11.22 -6.27 -10.36
N ILE A 88 10.60 -7.42 -10.09
CA ILE A 88 9.82 -7.61 -8.86
C ILE A 88 10.68 -7.24 -7.66
N LEU A 89 11.92 -7.72 -7.64
CA LEU A 89 12.73 -7.50 -6.45
C LEU A 89 12.92 -6.01 -6.22
N GLU A 90 13.31 -5.32 -7.28
CA GLU A 90 13.54 -3.88 -7.21
C GLU A 90 12.27 -3.14 -6.83
N ALA A 91 11.17 -3.42 -7.53
CA ALA A 91 9.93 -2.68 -7.35
C ALA A 91 9.24 -3.06 -6.04
N ALA A 92 8.68 -4.26 -5.99
CA ALA A 92 7.85 -4.65 -4.85
C ALA A 92 8.65 -5.21 -3.69
N ASP A 93 9.93 -5.45 -3.86
CA ASP A 93 10.70 -6.21 -2.88
C ASP A 93 10.00 -7.53 -2.60
N GLY A 94 9.64 -8.22 -3.69
CA GLY A 94 8.98 -9.52 -3.62
C GLY A 94 9.88 -10.65 -4.10
N PHE A 95 9.66 -11.84 -3.54
CA PHE A 95 10.31 -13.07 -4.00
C PHE A 95 9.28 -14.16 -4.22
N LEU A 96 9.55 -15.07 -5.17
CA LEU A 96 8.61 -16.12 -5.51
C LEU A 96 8.92 -17.41 -4.76
N PHE A 97 7.86 -18.19 -4.51
CA PHE A 97 7.98 -19.49 -3.88
C PHE A 97 6.74 -20.32 -4.20
N ILE A 98 6.92 -21.64 -4.19
CA ILE A 98 5.89 -22.60 -4.55
C ILE A 98 5.88 -23.67 -3.48
N VAL A 99 4.74 -23.85 -2.83
CA VAL A 99 4.64 -24.78 -1.73
C VAL A 99 3.50 -25.74 -1.99
N SER A 100 3.72 -27.03 -1.71
CA SER A 100 2.65 -28.00 -1.88
C SER A 100 1.47 -27.58 -1.01
N CYS A 101 0.25 -27.73 -1.55
CA CYS A 101 -0.91 -27.38 -0.75
C CYS A 101 -1.15 -28.41 0.33
N GLU A 102 -1.02 -29.69 -0.02
CA GLU A 102 -1.41 -30.74 0.91
C GLU A 102 -0.61 -30.64 2.20
N THR A 103 0.72 -30.59 2.11
CA THR A 103 1.58 -30.66 3.28
C THR A 103 2.09 -29.31 3.75
N GLY A 104 2.27 -28.33 2.86
CA GLY A 104 3.01 -27.13 3.18
C GLY A 104 4.46 -27.19 2.80
N ARG A 105 4.85 -28.16 1.98
CA ARG A 105 6.25 -28.39 1.62
C ARG A 105 6.70 -27.38 0.59
N VAL A 106 7.87 -26.79 0.81
CA VAL A 106 8.40 -25.83 -0.15
C VAL A 106 8.94 -26.65 -1.30
N VAL A 107 8.15 -26.81 -2.36
CA VAL A 107 8.71 -27.42 -3.55
C VAL A 107 9.69 -26.48 -4.23
N TYR A 108 9.64 -25.17 -3.94
CA TYR A 108 10.59 -24.25 -4.56
C TYR A 108 10.59 -22.91 -3.86
N VAL A 109 11.75 -22.27 -3.86
CA VAL A 109 11.90 -20.86 -3.46
C VAL A 109 12.94 -20.20 -4.35
N SER A 110 12.58 -19.08 -4.96
CA SER A 110 13.57 -18.31 -5.69
C SER A 110 14.57 -17.69 -4.72
N ASP A 111 15.81 -17.55 -5.19
CA ASP A 111 16.89 -17.01 -4.39
C ASP A 111 16.63 -15.58 -3.92
N SER A 112 15.70 -14.87 -4.56
CA SER A 112 15.32 -13.54 -4.07
C SER A 112 14.96 -13.56 -2.59
N VAL A 113 14.70 -14.74 -2.03
CA VAL A 113 14.38 -14.87 -0.62
C VAL A 113 15.49 -14.28 0.24
N THR A 114 16.73 -14.31 -0.24
CA THR A 114 17.86 -13.87 0.57
C THR A 114 17.94 -12.35 0.66
N PRO A 115 17.78 -11.61 -0.44
CA PRO A 115 17.63 -10.16 -0.27
C PRO A 115 16.36 -9.77 0.47
N VAL A 116 15.26 -10.53 0.31
CA VAL A 116 13.99 -10.14 0.93
C VAL A 116 14.00 -10.44 2.42
N LEU A 117 14.45 -11.63 2.79
CA LEU A 117 14.22 -12.15 4.12
C LEU A 117 15.51 -12.48 4.84
N ASN A 118 16.67 -12.21 4.24
CA ASN A 118 17.94 -12.60 4.85
C ASN A 118 17.90 -14.08 5.20
N GLN A 119 17.68 -14.90 4.17
CA GLN A 119 17.57 -16.33 4.35
C GLN A 119 18.36 -17.02 3.26
N PRO A 120 19.14 -18.04 3.60
CA PRO A 120 19.67 -18.94 2.58
C PRO A 120 18.53 -19.57 1.80
N GLN A 121 18.74 -19.74 0.50
CA GLN A 121 17.81 -20.55 -0.27
C GLN A 121 17.75 -21.97 0.30
N SER A 122 18.88 -22.49 0.79
CA SER A 122 18.91 -23.80 1.41
C SER A 122 18.06 -23.85 2.67
N GLU A 123 18.20 -22.83 3.52
CA GLU A 123 17.38 -22.73 4.72
C GLU A 123 15.89 -22.86 4.42
N TRP A 124 15.47 -22.40 3.24
CA TRP A 124 14.06 -22.44 2.89
C TRP A 124 13.69 -23.66 2.06
N PHE A 125 14.41 -23.94 0.98
CA PHE A 125 13.95 -24.98 0.07
C PHE A 125 13.91 -26.32 0.81
N GLY A 126 13.05 -27.21 0.32
CA GLY A 126 12.83 -28.49 0.98
C GLY A 126 12.21 -28.41 2.36
N SER A 127 11.73 -27.24 2.79
CA SER A 127 11.16 -27.05 4.12
C SER A 127 9.63 -26.91 4.05
N THR A 128 9.03 -26.41 5.13
CA THR A 128 7.60 -26.18 5.22
C THR A 128 7.27 -24.73 5.49
N LEU A 129 6.17 -24.25 4.89
CA LEU A 129 5.82 -22.84 5.04
C LEU A 129 5.44 -22.53 6.47
N TYR A 130 4.75 -23.46 7.14
CA TYR A 130 4.49 -23.28 8.56
C TYR A 130 5.76 -23.08 9.35
N ASP A 131 6.87 -23.68 8.92
CA ASP A 131 8.13 -23.40 9.60
C ASP A 131 8.59 -21.95 9.49
N GLN A 132 8.19 -21.20 8.47
CA GLN A 132 8.79 -19.89 8.23
C GLN A 132 7.92 -18.73 8.69
N VAL A 133 6.75 -19.02 9.27
CA VAL A 133 5.79 -17.98 9.62
C VAL A 133 5.70 -17.90 11.13
N HIS A 134 5.15 -16.80 11.61
CA HIS A 134 4.83 -16.66 13.02
C HIS A 134 3.94 -17.81 13.46
N PRO A 135 4.05 -18.29 14.70
CA PRO A 135 3.20 -19.42 15.13
C PRO A 135 1.71 -19.06 15.11
N ASP A 136 1.36 -17.81 15.42
CA ASP A 136 -0.05 -17.44 15.41
C ASP A 136 -0.59 -17.28 13.99
N ASP A 137 0.29 -17.14 13.01
CA ASP A 137 -0.15 -17.19 11.63
C ASP A 137 -0.33 -18.62 11.12
N VAL A 138 -0.04 -19.65 11.92
CA VAL A 138 -0.27 -21.02 11.48
C VAL A 138 -1.71 -21.21 10.99
N ASP A 139 -2.70 -20.87 11.82
CA ASP A 139 -4.09 -21.12 11.45
C ASP A 139 -4.49 -20.46 10.14
N LYS A 140 -4.46 -19.12 10.09
CA LYS A 140 -4.68 -18.40 8.84
C LYS A 140 -4.06 -19.14 7.66
N LEU A 141 -2.81 -19.57 7.84
CA LEU A 141 -2.09 -20.22 6.76
C LEU A 141 -2.81 -21.48 6.29
N ARG A 142 -3.17 -22.36 7.23
CA ARG A 142 -3.94 -23.56 6.91
C ARG A 142 -5.14 -23.25 6.02
N GLU A 143 -5.94 -22.24 6.39
CA GLU A 143 -7.13 -21.94 5.59
C GLU A 143 -6.74 -21.65 4.15
N GLN A 144 -5.68 -20.88 3.95
CA GLN A 144 -5.33 -20.51 2.59
C GLN A 144 -4.81 -21.69 1.77
N LEU A 145 -4.59 -22.86 2.36
CA LEU A 145 -4.05 -24.00 1.60
C LEU A 145 -5.03 -25.17 1.42
N SER A 146 -6.32 -24.98 1.70
CA SER A 146 -7.27 -26.07 1.51
C SER A 146 -7.58 -26.27 0.02
N THR A 147 -8.33 -27.34 -0.29
CA THR A 147 -8.71 -27.65 -1.68
C THR A 147 -10.04 -26.98 -2.07
N SER A 179 -7.80 -21.40 -8.15
CA SER A 179 -8.29 -20.09 -7.73
C SER A 179 -7.13 -19.19 -7.29
N ARG A 180 -7.43 -17.89 -7.20
CA ARG A 180 -6.48 -16.93 -6.67
C ARG A 180 -6.38 -17.08 -5.15
N ARG A 181 -5.22 -16.70 -4.61
CA ARG A 181 -5.02 -16.55 -3.18
C ARG A 181 -4.29 -15.26 -2.91
N SER A 182 -4.69 -14.61 -1.82
CA SER A 182 -4.03 -13.41 -1.36
C SER A 182 -4.19 -13.31 0.16
N PHE A 183 -3.12 -12.96 0.85
CA PHE A 183 -3.16 -12.87 2.31
C PHE A 183 -1.86 -12.26 2.82
N ILE A 184 -1.83 -12.05 4.14
CA ILE A 184 -0.74 -11.36 4.82
C ILE A 184 -0.30 -12.20 6.00
N CYS A 185 1.01 -12.18 6.30
CA CYS A 185 1.54 -13.03 7.37
C CYS A 185 2.95 -12.61 7.76
N ARG A 186 3.29 -12.81 9.03
CA ARG A 186 4.64 -12.53 9.53
C ARG A 186 5.58 -13.69 9.19
N MET A 187 6.67 -13.42 8.46
CA MET A 187 7.70 -14.43 8.24
C MET A 187 8.95 -14.17 9.05
N ARG A 188 9.74 -15.23 9.21
CA ARG A 188 10.98 -15.13 9.95
C ARG A 188 12.10 -14.77 8.98
N CYS A 189 13.00 -13.91 9.45
CA CYS A 189 14.15 -13.48 8.67
C CYS A 189 15.43 -13.99 9.28
N GLY A 190 16.29 -13.13 9.88
CA GLY A 190 17.49 -13.60 10.58
C GLY A 190 18.66 -13.66 9.64
N THR A 191 19.75 -14.25 10.08
CA THR A 191 20.97 -14.18 9.29
C THR A 191 21.26 -15.49 8.55
N PRO A 221 14.89 -13.85 17.39
CA PRO A 221 13.73 -14.31 16.59
C PRO A 221 12.79 -13.16 16.13
N HIS A 222 12.99 -12.69 14.89
CA HIS A 222 12.38 -11.46 14.38
C HIS A 222 11.48 -11.76 13.19
N PHE A 223 10.33 -11.09 13.11
CA PHE A 223 9.37 -11.30 12.03
C PHE A 223 9.10 -10.02 11.26
N VAL A 224 8.92 -10.17 9.95
CA VAL A 224 8.51 -9.07 9.10
C VAL A 224 7.18 -9.44 8.47
N VAL A 225 6.34 -8.44 8.27
CA VAL A 225 5.02 -8.66 7.69
C VAL A 225 5.23 -8.85 6.18
N VAL A 226 4.41 -9.70 5.53
CA VAL A 226 4.64 -10.14 4.16
C VAL A 226 3.31 -10.28 3.42
N HIS A 227 3.17 -9.57 2.31
CA HIS A 227 1.98 -9.73 1.50
C HIS A 227 2.24 -10.83 0.48
N CYS A 228 1.34 -11.80 0.41
CA CYS A 228 1.46 -12.93 -0.49
C CYS A 228 0.29 -12.97 -1.45
N THR A 229 0.60 -13.15 -2.73
CA THR A 229 -0.39 -13.35 -3.77
C THR A 229 0.01 -14.56 -4.59
N GLY A 230 -0.93 -15.09 -5.36
CA GLY A 230 -0.61 -16.26 -6.16
C GLY A 230 -1.85 -17.08 -6.39
N TYR A 231 -1.64 -18.36 -6.67
CA TYR A 231 -2.73 -19.17 -7.21
C TYR A 231 -2.37 -20.65 -7.07
N ILE A 232 -3.41 -21.47 -7.18
CA ILE A 232 -3.32 -22.91 -6.92
C ILE A 232 -3.17 -23.61 -8.26
N LYS A 233 -2.02 -24.25 -8.50
CA LYS A 233 -1.88 -25.11 -9.66
C LYS A 233 -1.73 -26.56 -9.22
N ALA A 234 -2.06 -27.47 -10.13
CA ALA A 234 -1.97 -28.89 -9.86
C ALA A 234 -0.54 -29.38 -10.06
N TRP A 235 -0.31 -30.64 -9.72
CA TRP A 235 1.02 -31.17 -9.89
C TRP A 235 1.00 -32.69 -9.97
N PHE A 255 -1.44 -30.88 -4.85
CA PHE A 255 -1.45 -29.55 -5.43
C PHE A 255 -0.33 -28.67 -4.91
N CYS A 256 -0.21 -27.48 -5.48
CA CYS A 256 0.84 -26.53 -5.13
C CYS A 256 0.31 -25.11 -5.21
N LEU A 257 0.98 -24.20 -4.51
CA LEU A 257 0.68 -22.78 -4.51
C LEU A 257 1.87 -22.00 -5.07
N VAL A 258 1.61 -21.29 -6.16
CA VAL A 258 2.56 -20.37 -6.75
C VAL A 258 2.30 -18.98 -6.18
N ALA A 259 3.23 -18.47 -5.38
CA ALA A 259 2.99 -17.24 -4.67
C ALA A 259 4.22 -16.34 -4.73
N ILE A 260 3.94 -15.06 -4.62
CA ILE A 260 4.93 -14.02 -4.43
C ILE A 260 4.71 -13.39 -3.07
N GLY A 261 5.82 -13.14 -2.37
CA GLY A 261 5.77 -12.48 -1.10
C GLY A 261 6.60 -11.22 -1.13
N ARG A 262 5.95 -10.07 -0.98
CA ARG A 262 6.67 -8.80 -0.95
C ARG A 262 6.58 -8.17 0.45
N LEU A 263 7.52 -7.26 0.69
CA LEU A 263 7.66 -6.47 1.91
C LEU A 263 7.05 -5.08 1.71
N GLN A 264 6.83 -4.40 2.83
CA GLN A 264 5.97 -3.21 2.87
C GLN A 264 6.85 -1.98 2.97
N THR A 281 11.07 10.20 28.80
CA THR A 281 11.11 11.64 28.93
C THR A 281 9.70 12.22 29.10
N GLU A 282 8.69 11.51 28.61
CA GLU A 282 7.33 12.05 28.48
C GLU A 282 6.37 10.89 28.23
N PHE A 283 5.07 11.20 28.18
CA PHE A 283 4.08 10.24 27.72
C PHE A 283 2.87 10.94 27.12
N ILE A 284 2.06 10.19 26.37
CA ILE A 284 1.06 10.78 25.50
C ILE A 284 -0.34 10.40 25.93
N SER A 285 -1.25 11.37 25.83
CA SER A 285 -2.59 11.23 26.39
C SER A 285 -3.60 11.88 25.47
N ARG A 286 -4.79 11.29 25.39
CA ARG A 286 -5.95 11.93 24.76
C ARG A 286 -7.01 12.18 25.82
N HIS A 287 -7.69 13.34 25.73
CA HIS A 287 -8.75 13.72 26.65
C HIS A 287 -9.99 14.18 25.89
N ASN A 288 -11.14 14.09 26.55
CA ASN A 288 -12.30 14.84 26.08
C ASN A 288 -12.08 16.31 26.43
N ILE A 289 -12.97 17.18 25.92
CA ILE A 289 -12.77 18.61 26.08
C ILE A 289 -13.00 19.04 27.54
N GLU A 290 -13.40 18.10 28.37
CA GLU A 290 -13.46 18.38 29.79
C GLU A 290 -12.10 18.23 30.47
N GLY A 291 -11.25 17.36 29.96
CA GLY A 291 -10.00 17.02 30.60
C GLY A 291 -9.94 15.62 31.15
N ILE A 292 -10.86 14.75 30.77
CA ILE A 292 -10.86 13.38 31.27
C ILE A 292 -9.88 12.56 30.46
N PHE A 293 -8.95 11.92 31.15
CA PHE A 293 -8.10 10.94 30.49
C PHE A 293 -8.97 9.89 29.81
N THR A 294 -8.85 9.77 28.48
CA THR A 294 -9.48 8.66 27.77
C THR A 294 -8.47 7.82 27.02
N PHE A 295 -7.17 8.12 27.15
CA PHE A 295 -6.11 7.27 26.57
C PHE A 295 -4.77 7.66 27.15
N VAL A 296 -4.01 6.69 27.68
CA VAL A 296 -2.62 6.91 28.10
C VAL A 296 -1.78 5.72 27.63
N ASP A 297 -0.53 6.01 27.27
CA ASP A 297 0.40 4.94 26.96
C ASP A 297 1.08 4.47 28.25
N HIS A 298 1.47 3.18 28.25
CA HIS A 298 2.08 2.56 29.42
C HIS A 298 3.17 3.41 30.05
N ARG A 299 3.82 4.31 29.28
CA ARG A 299 4.88 5.11 29.88
C ARG A 299 4.43 6.00 31.02
N CYS A 300 3.12 6.27 31.18
CA CYS A 300 2.70 7.01 32.36
C CYS A 300 3.21 6.34 33.63
N VAL A 301 3.22 5.00 33.66
CA VAL A 301 3.78 4.27 34.80
C VAL A 301 5.19 4.77 35.12
N ALA A 302 6.04 4.91 34.10
CA ALA A 302 7.40 5.38 34.36
C ALA A 302 7.48 6.88 34.64
N THR A 303 6.54 7.68 34.13
CA THR A 303 6.66 9.13 34.27
C THR A 303 6.06 9.64 35.58
N VAL A 304 4.90 9.11 35.99
CA VAL A 304 4.21 9.62 37.17
C VAL A 304 3.91 8.54 38.20
N GLY A 305 4.26 7.29 37.94
CA GLY A 305 4.08 6.26 38.94
C GLY A 305 2.76 5.53 38.88
N TYR A 306 1.79 6.03 38.11
CA TYR A 306 0.46 5.44 38.13
C TYR A 306 0.31 4.35 37.08
N GLN A 307 -0.54 3.39 37.40
CA GLN A 307 -1.01 2.49 36.36
C GLN A 307 -1.96 3.25 35.44
N PRO A 308 -2.00 2.91 34.15
CA PRO A 308 -2.93 3.59 33.24
C PRO A 308 -4.35 3.64 33.76
N GLN A 309 -4.80 2.57 34.43
CA GLN A 309 -6.14 2.54 35.03
C GLN A 309 -6.33 3.62 36.10
N GLU A 310 -5.26 4.00 36.80
CA GLU A 310 -5.46 4.98 37.88
C GLU A 310 -5.55 6.42 37.38
N LEU A 311 -5.28 6.67 36.09
CA LEU A 311 -5.48 7.97 35.46
C LEU A 311 -6.68 8.01 34.54
N LEU A 312 -6.93 6.90 33.84
CA LEU A 312 -8.05 6.82 32.91
C LEU A 312 -9.38 6.96 33.63
N GLY A 313 -10.25 7.81 33.09
CA GLY A 313 -11.54 8.09 33.65
C GLY A 313 -11.56 9.30 34.53
N LYS A 314 -10.38 9.82 34.89
CA LYS A 314 -10.28 10.94 35.81
C LYS A 314 -9.80 12.22 35.10
N ASN A 315 -10.13 13.34 35.72
CA ASN A 315 -9.77 14.63 35.15
C ASN A 315 -8.32 14.98 35.43
N ILE A 316 -7.56 15.25 34.36
CA ILE A 316 -6.19 15.72 34.53
C ILE A 316 -6.11 16.83 35.57
N VAL A 317 -7.16 17.66 35.69
CA VAL A 317 -7.13 18.72 36.70
C VAL A 317 -7.13 18.12 38.12
N GLU A 318 -7.71 16.93 38.28
CA GLU A 318 -7.68 16.28 39.58
C GLU A 318 -6.27 15.90 40.00
N PHE A 319 -5.33 15.85 39.05
CA PHE A 319 -3.95 15.55 39.39
C PHE A 319 -3.12 16.81 39.49
N CYS A 320 -3.74 17.95 39.23
CA CYS A 320 -3.07 19.23 39.28
C CYS A 320 -3.06 19.77 40.70
N HIS A 321 -1.90 20.29 41.10
CA HIS A 321 -1.78 21.11 42.29
C HIS A 321 -2.78 22.27 42.26
N PRO A 322 -3.48 22.52 43.39
CA PRO A 322 -4.41 23.66 43.52
C PRO A 322 -4.00 24.94 42.82
N GLU A 323 -2.86 25.45 43.26
CA GLU A 323 -2.40 26.75 42.81
C GLU A 323 -2.29 26.84 41.30
N ASP A 324 -2.22 25.70 40.59
CA ASP A 324 -2.00 25.66 39.15
C ASP A 324 -3.25 25.30 38.36
N GLN A 325 -4.32 24.93 39.05
CA GLN A 325 -5.45 24.32 38.35
C GLN A 325 -6.09 25.30 37.38
N GLN A 326 -6.31 26.54 37.81
CA GLN A 326 -6.78 27.55 36.86
C GLN A 326 -5.90 27.62 35.63
N LEU A 327 -4.58 27.59 35.82
CA LEU A 327 -3.71 27.59 34.65
C LEU A 327 -4.02 26.43 33.73
N LEU A 328 -4.15 25.22 34.28
CA LEU A 328 -4.42 24.07 33.44
C LEU A 328 -5.71 24.30 32.67
N ARG A 329 -6.70 24.88 33.34
CA ARG A 329 -8.01 25.03 32.72
C ARG A 329 -7.99 26.11 31.65
N ASP A 330 -7.25 27.20 31.88
CA ASP A 330 -7.02 28.21 30.85
C ASP A 330 -6.45 27.56 29.61
N SER A 331 -5.41 26.75 29.79
CA SER A 331 -4.88 25.96 28.69
C SER A 331 -5.98 25.17 27.97
N PHE A 332 -6.91 24.57 28.72
CA PHE A 332 -7.90 23.70 28.09
C PHE A 332 -9.00 24.49 27.39
N GLN A 333 -9.38 25.64 27.92
CA GLN A 333 -10.30 26.50 27.18
C GLN A 333 -9.63 27.04 25.93
N GLN A 334 -8.31 27.26 25.99
CA GLN A 334 -7.61 27.93 24.91
C GLN A 334 -7.33 27.01 23.73
N VAL A 335 -6.72 25.85 23.97
CA VAL A 335 -6.49 24.91 22.88
C VAL A 335 -7.77 24.61 22.12
N VAL A 336 -8.92 24.63 22.81
CA VAL A 336 -10.18 24.37 22.13
C VAL A 336 -10.60 25.58 21.33
N LYS A 337 -10.49 26.78 21.92
CA LYS A 337 -10.81 27.98 21.14
C LYS A 337 -9.81 28.19 20.02
N LEU A 338 -8.52 28.13 20.32
CA LEU A 338 -7.48 28.18 19.28
C LEU A 338 -7.40 26.89 18.48
N LYS A 339 -8.56 26.34 18.12
CA LYS A 339 -8.69 25.01 17.52
C LYS A 339 -7.62 24.76 16.46
N GLY A 340 -7.05 23.55 16.51
CA GLY A 340 -6.02 23.17 15.56
C GLY A 340 -4.59 23.26 16.07
N GLN A 341 -4.26 24.37 16.73
CA GLN A 341 -2.89 24.72 17.05
C GLN A 341 -2.46 24.17 18.42
N VAL A 342 -1.16 24.24 18.67
CA VAL A 342 -0.55 23.69 19.88
C VAL A 342 -0.28 24.79 20.89
N LEU A 343 -0.93 24.70 22.02
CA LEU A 343 -0.52 25.48 23.17
C LEU A 343 0.20 24.55 24.13
N SER A 344 1.07 25.12 24.96
CA SER A 344 1.78 24.35 25.95
C SER A 344 1.66 25.04 27.30
N VAL A 345 1.61 24.24 28.36
CA VAL A 345 1.40 24.75 29.71
C VAL A 345 2.22 23.92 30.68
N MET A 346 2.68 24.54 31.74
CA MET A 346 3.37 23.82 32.78
C MET A 346 2.59 23.84 34.10
N PHE A 347 2.71 22.74 34.84
CA PHE A 347 2.02 22.62 36.11
C PHE A 347 2.58 21.43 36.87
N ARG A 348 2.35 21.43 38.19
CA ARG A 348 2.73 20.34 39.06
C ARG A 348 1.69 19.21 39.06
N PHE A 349 2.20 17.97 39.13
CA PHE A 349 1.42 16.76 38.94
C PHE A 349 1.73 15.80 40.07
N ARG A 350 0.71 15.41 40.86
CA ARG A 350 1.01 14.53 41.99
C ARG A 350 1.33 13.13 41.46
N SER A 351 2.56 12.68 41.72
CA SER A 351 2.91 11.31 41.38
C SER A 351 2.13 10.33 42.25
N LYS A 352 2.28 9.04 41.92
CA LYS A 352 1.74 7.99 42.76
C LYS A 352 2.28 8.08 44.20
N THR A 353 3.42 8.71 44.41
CA THR A 353 4.04 8.84 45.72
C THR A 353 3.77 10.19 46.38
N ARG A 354 2.91 11.01 45.78
CA ARG A 354 2.37 12.28 46.25
C ARG A 354 3.26 13.46 45.92
N GLU A 355 4.50 13.24 45.51
CA GLU A 355 5.38 14.36 45.31
C GLU A 355 4.94 15.17 44.10
N TRP A 356 5.00 16.50 44.22
CA TRP A 356 4.62 17.36 43.12
C TRP A 356 5.69 17.32 42.03
N LEU A 357 5.28 17.00 40.79
CA LEU A 357 6.17 16.87 39.64
C LEU A 357 5.90 17.99 38.66
N TRP A 358 6.87 18.87 38.49
CA TRP A 358 6.78 19.87 37.43
C TRP A 358 6.65 19.17 36.10
N MET A 359 5.75 19.67 35.26
CA MET A 359 5.46 18.91 34.06
C MET A 359 4.91 19.82 32.98
N ARG A 360 5.54 19.78 31.80
CA ARG A 360 5.10 20.57 30.65
C ARG A 360 4.29 19.69 29.72
N THR A 361 3.09 20.14 29.40
CA THR A 361 2.26 19.50 28.39
C THR A 361 1.99 20.52 27.28
N SER A 362 2.63 20.30 26.13
CA SER A 362 2.12 20.88 24.89
C SER A 362 1.04 19.95 24.36
N SER A 363 0.06 20.55 23.70
CA SER A 363 -1.17 19.84 23.39
C SER A 363 -1.98 20.67 22.42
N PHE A 364 -2.88 19.97 21.71
CA PHE A 364 -3.63 20.60 20.62
C PHE A 364 -4.92 19.82 20.39
N THR A 365 -5.93 20.53 19.90
CA THR A 365 -7.16 19.87 19.55
C THR A 365 -6.96 19.03 18.29
N PHE A 366 -7.73 17.97 18.18
CA PHE A 366 -7.76 17.16 16.97
C PHE A 366 -9.19 17.17 16.46
N GLN A 367 -9.37 17.51 15.19
CA GLN A 367 -10.70 17.70 14.61
C GLN A 367 -10.96 16.63 13.56
N ASN A 368 -12.26 16.31 13.34
CA ASN A 368 -12.59 15.26 12.39
C ASN A 368 -12.42 15.77 10.96
N PRO A 369 -11.70 15.05 10.10
CA PRO A 369 -11.40 15.58 8.76
C PRO A 369 -12.64 15.90 7.94
N TYR A 370 -13.76 15.23 8.20
CA TYR A 370 -14.96 15.44 7.42
C TYR A 370 -15.91 16.46 8.06
N SER A 371 -16.25 16.22 9.33
CA SER A 371 -17.21 17.03 10.06
C SER A 371 -16.57 18.16 10.86
N ASP A 372 -15.25 18.16 11.00
CA ASP A 372 -14.51 19.12 11.82
C ASP A 372 -14.98 19.14 13.27
N GLU A 373 -15.82 18.19 13.68
CA GLU A 373 -16.08 18.03 15.10
C GLU A 373 -14.80 17.67 15.83
N ILE A 374 -14.70 18.14 17.07
CA ILE A 374 -13.51 17.90 17.89
C ILE A 374 -13.52 16.44 18.35
N GLU A 375 -12.67 15.63 17.72
CA GLU A 375 -12.54 14.23 18.12
C GLU A 375 -12.04 14.10 19.56
N TYR A 376 -10.96 14.81 19.89
CA TYR A 376 -10.40 14.88 21.22
C TYR A 376 -9.22 15.85 21.29
N ILE A 377 -8.61 15.98 22.47
CA ILE A 377 -7.43 16.79 22.65
C ILE A 377 -6.23 15.85 22.83
N ILE A 378 -5.15 16.14 22.13
CA ILE A 378 -3.95 15.30 22.17
C ILE A 378 -2.88 16.04 22.95
N CYS A 379 -2.21 15.33 23.86
CA CYS A 379 -1.34 15.93 24.85
C CYS A 379 -0.06 15.12 24.99
N THR A 380 1.03 15.83 25.23
CA THR A 380 2.33 15.19 25.39
C THR A 380 2.93 15.77 26.67
N ASN A 381 2.93 14.93 27.70
CA ASN A 381 3.12 15.33 29.08
C ASN A 381 4.55 14.93 29.46
N THR A 382 5.42 15.94 29.48
CA THR A 382 6.86 15.73 29.54
C THR A 382 7.33 16.08 30.94
N ASN A 383 7.89 15.10 31.61
CA ASN A 383 8.49 15.33 32.91
C ASN A 383 9.59 16.36 32.69
N VAL A 384 9.27 17.60 33.06
CA VAL A 384 10.24 18.65 33.21
C VAL A 384 11.19 18.34 34.36
N SER B 27 7.95 0.22 -50.69
CA SER B 27 8.04 -1.23 -50.67
C SER B 27 9.24 -1.69 -49.84
N LYS B 28 10.41 -1.12 -50.14
CA LYS B 28 11.66 -1.57 -49.53
C LYS B 28 11.84 -1.26 -48.04
N GLU B 29 10.99 -0.37 -47.53
CA GLU B 29 10.99 0.00 -46.12
C GLU B 29 9.92 -0.83 -45.41
N THR B 30 8.83 -1.10 -46.11
CA THR B 30 7.74 -1.90 -45.55
C THR B 30 8.32 -3.26 -45.21
N GLU B 31 9.23 -3.77 -46.06
CA GLU B 31 9.93 -5.01 -45.76
C GLU B 31 10.62 -4.93 -44.42
N VAL B 32 11.54 -3.95 -44.25
CA VAL B 32 12.31 -3.86 -43.02
C VAL B 32 11.46 -3.47 -41.80
N PHE B 33 10.30 -2.83 -42.00
CA PHE B 33 9.41 -2.61 -40.88
C PHE B 33 8.79 -3.91 -40.40
N TYR B 34 8.33 -4.76 -41.33
CA TYR B 34 7.84 -6.06 -40.88
C TYR B 34 8.98 -6.89 -40.28
N GLU B 35 10.21 -6.71 -40.78
CA GLU B 35 11.38 -7.36 -40.18
C GLU B 35 11.56 -6.96 -38.72
N LEU B 36 11.71 -5.66 -38.48
CA LEU B 36 11.88 -5.15 -37.12
C LEU B 36 10.74 -5.61 -36.23
N ALA B 37 9.50 -5.50 -36.72
CA ALA B 37 8.33 -5.93 -35.96
C ALA B 37 8.47 -7.39 -35.51
N HIS B 38 8.68 -8.30 -36.47
CA HIS B 38 8.84 -9.70 -36.09
C HIS B 38 10.19 -10.00 -35.43
N GLU B 39 11.04 -8.99 -35.22
CA GLU B 39 12.22 -9.14 -34.39
C GLU B 39 12.14 -8.33 -33.10
N LEU B 40 11.04 -7.62 -32.89
CA LEU B 40 10.67 -7.21 -31.56
C LEU B 40 10.36 -8.46 -30.74
N PRO B 41 10.52 -8.41 -29.41
CA PRO B 41 10.06 -9.53 -28.57
C PRO B 41 8.54 -9.63 -28.50
N LEU B 42 7.90 -10.05 -29.59
CA LEU B 42 6.45 -10.07 -29.71
C LEU B 42 6.00 -11.37 -30.36
N PRO B 43 4.73 -11.74 -30.20
CA PRO B 43 4.17 -12.79 -31.06
C PRO B 43 4.18 -12.31 -32.49
N HIS B 44 4.51 -13.23 -33.41
CA HIS B 44 4.33 -12.99 -34.83
C HIS B 44 2.96 -12.37 -35.08
N SER B 45 1.94 -12.86 -34.36
CA SER B 45 0.59 -12.32 -34.42
C SER B 45 0.58 -10.82 -34.20
N VAL B 46 0.93 -10.37 -32.99
CA VAL B 46 0.76 -8.96 -32.67
C VAL B 46 1.79 -8.12 -33.40
N SER B 47 2.95 -8.68 -33.71
CA SER B 47 3.97 -7.90 -34.41
C SER B 47 3.58 -7.62 -35.85
N SER B 48 2.83 -8.51 -36.50
CA SER B 48 2.34 -8.22 -37.85
C SER B 48 1.55 -6.91 -37.90
N HIS B 49 0.69 -6.70 -36.91
CA HIS B 49 -0.35 -5.67 -36.97
C HIS B 49 0.12 -4.25 -36.74
N LEU B 50 1.36 -4.05 -36.33
CA LEU B 50 1.77 -2.71 -35.88
C LEU B 50 1.96 -1.76 -37.05
N ASP B 51 1.37 -0.57 -36.91
CA ASP B 51 1.81 0.56 -37.70
C ASP B 51 3.26 0.92 -37.33
N LYS B 52 3.84 1.85 -38.09
CA LYS B 52 5.27 2.11 -37.96
C LYS B 52 5.61 2.92 -36.73
N ALA B 53 4.77 3.90 -36.38
CA ALA B 53 5.01 4.67 -35.17
C ALA B 53 5.04 3.77 -33.95
N SER B 54 4.22 2.72 -33.96
CA SER B 54 4.26 1.76 -32.87
C SER B 54 5.55 0.93 -32.90
N ILE B 55 6.03 0.57 -34.08
CA ILE B 55 7.27 -0.21 -34.15
C ILE B 55 8.44 0.62 -33.60
N MET B 56 8.52 1.89 -33.98
CA MET B 56 9.41 2.87 -33.33
C MET B 56 9.28 2.84 -31.81
N ARG B 57 8.10 3.22 -31.30
CA ARG B 57 7.88 3.24 -29.87
C ARG B 57 8.37 1.98 -29.17
N LEU B 58 7.82 0.84 -29.57
CA LEU B 58 8.13 -0.42 -28.90
C LEU B 58 9.62 -0.72 -28.96
N ALA B 59 10.22 -0.60 -30.14
CA ALA B 59 11.66 -0.81 -30.24
C ALA B 59 12.39 0.04 -29.22
N ILE B 60 12.06 1.33 -29.19
CA ILE B 60 12.84 2.28 -28.39
C ILE B 60 12.68 1.93 -26.93
N SER B 61 11.44 1.78 -26.49
CA SER B 61 11.19 1.35 -25.13
C SER B 61 11.95 0.08 -24.79
N PHE B 62 12.04 -0.87 -25.73
CA PHE B 62 12.75 -2.12 -25.42
C PHE B 62 14.22 -1.86 -25.18
N LEU B 63 14.84 -1.02 -26.02
CA LEU B 63 16.24 -0.66 -25.82
C LEU B 63 16.44 0.12 -24.53
N ARG B 64 15.70 1.23 -24.35
CA ARG B 64 15.73 1.96 -23.09
C ARG B 64 15.67 0.99 -21.92
N THR B 65 14.72 0.06 -21.98
CA THR B 65 14.44 -0.81 -20.84
C THR B 65 15.65 -1.69 -20.56
N HIS B 66 16.06 -2.47 -21.55
CA HIS B 66 17.28 -3.24 -21.42
C HIS B 66 18.38 -2.40 -20.78
N LYS B 67 18.49 -1.14 -21.21
CA LYS B 67 19.51 -0.25 -20.67
C LYS B 67 19.37 -0.11 -19.16
N LEU B 68 18.20 0.29 -18.68
CA LEU B 68 18.02 0.36 -17.22
C LEU B 68 18.35 -0.97 -16.55
N LEU B 69 18.01 -2.08 -17.21
CA LEU B 69 18.20 -3.39 -16.60
C LEU B 69 19.66 -3.65 -16.26
N SER B 70 20.56 -3.51 -17.27
CA SER B 70 21.99 -3.62 -16.98
C SER B 70 22.35 -2.92 -15.68
N SER B 71 21.84 -1.69 -15.51
CA SER B 71 22.09 -0.94 -14.28
C SER B 71 21.56 -1.66 -13.05
N VAL B 72 20.42 -2.35 -13.17
CA VAL B 72 19.91 -3.00 -11.96
C VAL B 72 20.70 -4.28 -11.64
N CYS B 73 20.96 -5.13 -12.62
CA CYS B 73 21.58 -6.43 -12.34
C CYS B 73 23.05 -6.38 -11.96
N ASP B 87 8.10 -17.50 -16.33
CA ASP B 87 7.58 -16.14 -16.22
C ASP B 87 6.08 -16.10 -16.16
N ASN B 88 5.43 -17.03 -16.86
CA ASN B 88 3.99 -17.16 -16.71
C ASN B 88 3.62 -17.37 -15.24
N LEU B 89 4.58 -17.88 -14.46
CA LEU B 89 4.42 -17.98 -13.02
C LEU B 89 4.38 -16.59 -12.40
N TYR B 90 5.54 -15.93 -12.27
CA TYR B 90 5.57 -14.58 -11.70
C TYR B 90 4.40 -13.73 -12.21
N LEU B 91 4.23 -13.69 -13.52
CA LEU B 91 3.15 -12.90 -14.10
C LEU B 91 1.80 -13.30 -13.51
N LYS B 92 1.51 -14.60 -13.47
CA LYS B 92 0.19 -15.02 -13.02
C LYS B 92 0.03 -14.92 -11.51
N ALA B 93 1.11 -14.92 -10.73
CA ALA B 93 1.04 -14.90 -9.27
C ALA B 93 0.99 -13.49 -8.72
N LEU B 94 1.26 -12.50 -9.57
CA LEU B 94 1.17 -11.10 -9.23
C LEU B 94 -0.31 -10.70 -9.14
N GLU B 95 -0.63 -9.76 -8.25
CA GLU B 95 -1.95 -9.10 -8.26
C GLU B 95 -1.85 -7.67 -8.77
N GLY B 96 -0.99 -7.45 -9.75
CA GLY B 96 -0.78 -6.12 -10.27
C GLY B 96 0.15 -6.21 -11.44
N PHE B 97 0.54 -5.06 -11.94
CA PHE B 97 1.50 -5.11 -13.02
C PHE B 97 2.71 -4.25 -12.64
N ILE B 98 3.81 -4.52 -13.34
CA ILE B 98 5.07 -3.79 -13.17
C ILE B 98 5.12 -2.71 -14.23
N ALA B 99 5.70 -1.57 -13.86
CA ALA B 99 5.84 -0.51 -14.84
C ALA B 99 7.02 0.34 -14.47
N VAL B 100 7.68 0.86 -15.51
CA VAL B 100 8.83 1.74 -15.37
C VAL B 100 8.67 2.94 -16.28
N VAL B 101 8.83 4.11 -15.66
CA VAL B 101 8.37 5.38 -16.15
C VAL B 101 9.53 6.33 -16.00
N THR B 102 9.87 7.05 -17.06
CA THR B 102 10.98 7.97 -16.96
C THR B 102 10.58 9.19 -16.16
N GLN B 103 11.55 10.07 -15.90
CA GLN B 103 11.29 11.17 -14.97
C GLN B 103 10.38 12.21 -15.59
N ASP B 104 10.34 12.27 -16.92
CA ASP B 104 9.42 13.16 -17.62
C ASP B 104 8.09 12.48 -17.92
N GLY B 105 7.90 11.23 -17.49
CA GLY B 105 6.61 10.57 -17.54
C GLY B 105 6.45 9.49 -18.61
N ASP B 106 7.44 9.30 -19.46
CA ASP B 106 7.33 8.30 -20.51
C ASP B 106 7.27 6.91 -19.90
N MET B 107 6.30 6.11 -20.36
CA MET B 107 6.07 4.79 -19.80
C MET B 107 6.82 3.75 -20.62
N ILE B 108 8.13 3.66 -20.35
CA ILE B 108 8.97 2.88 -21.25
C ILE B 108 8.82 1.39 -21.06
N PHE B 109 8.21 0.92 -19.97
CA PHE B 109 7.89 -0.50 -19.94
C PHE B 109 6.69 -0.75 -19.07
N LEU B 110 5.83 -1.67 -19.53
CA LEU B 110 4.63 -2.11 -18.80
C LEU B 110 4.54 -3.61 -18.90
N SER B 111 4.50 -4.30 -17.77
CA SER B 111 4.45 -5.75 -17.85
C SER B 111 3.27 -6.24 -18.70
N GLU B 112 3.34 -7.49 -19.14
CA GLU B 112 2.38 -8.01 -20.11
C GLU B 112 0.97 -8.04 -19.54
N ASN B 113 0.82 -8.55 -18.32
CA ASN B 113 -0.52 -8.78 -17.78
C ASN B 113 -1.25 -7.52 -17.44
N ILE B 114 -0.75 -6.32 -17.72
CA ILE B 114 -1.50 -5.12 -17.36
C ILE B 114 -2.94 -5.18 -17.88
N SER B 115 -3.17 -5.82 -19.04
CA SER B 115 -4.48 -5.83 -19.68
C SER B 115 -5.52 -6.48 -18.78
N LYS B 116 -5.08 -7.45 -17.99
CA LYS B 116 -5.96 -8.21 -17.13
C LYS B 116 -6.53 -7.34 -16.03
N PHE B 117 -5.93 -6.18 -15.78
CA PHE B 117 -6.39 -5.25 -14.75
C PHE B 117 -6.89 -3.92 -15.29
N MET B 118 -6.30 -3.40 -16.36
CA MET B 118 -6.73 -2.12 -16.91
C MET B 118 -7.42 -2.24 -18.25
N GLY B 119 -7.29 -3.38 -18.92
CA GLY B 119 -7.90 -3.52 -20.23
C GLY B 119 -7.04 -2.98 -21.34
N LEU B 120 -6.44 -1.81 -21.12
CA LEU B 120 -5.39 -1.33 -22.02
C LEU B 120 -4.26 -2.35 -22.06
N THR B 121 -3.56 -2.43 -23.20
CA THR B 121 -2.55 -3.46 -23.38
C THR B 121 -1.15 -2.87 -23.40
N GLN B 122 -0.17 -3.76 -23.21
CA GLN B 122 1.23 -3.37 -23.28
C GLN B 122 1.55 -2.66 -24.60
N VAL B 123 1.04 -3.20 -25.72
CA VAL B 123 1.29 -2.61 -27.03
C VAL B 123 0.63 -1.24 -27.15
N GLU B 124 -0.54 -1.07 -26.60
CA GLU B 124 -1.18 0.23 -26.71
C GLU B 124 -0.37 1.30 -25.98
N LEU B 125 0.02 1.05 -24.73
CA LEU B 125 0.53 2.15 -23.91
C LEU B 125 2.04 2.38 -23.95
N THR B 126 2.84 1.31 -24.00
CA THR B 126 4.29 1.44 -24.10
C THR B 126 4.68 2.65 -24.93
N GLY B 127 5.63 3.43 -24.40
CA GLY B 127 6.13 4.59 -25.09
C GLY B 127 5.29 5.84 -24.96
N HIS B 128 4.15 5.77 -24.29
CA HIS B 128 3.29 6.94 -24.13
C HIS B 128 3.37 7.47 -22.70
N SER B 129 3.00 8.75 -22.55
CA SER B 129 3.14 9.42 -21.28
C SER B 129 2.22 8.79 -20.24
N ILE B 130 2.71 8.69 -19.00
CA ILE B 130 1.81 8.28 -17.95
C ILE B 130 0.71 9.31 -17.79
N PHE B 131 1.04 10.59 -17.99
CA PHE B 131 0.09 11.67 -17.72
C PHE B 131 -1.07 11.66 -18.68
N ASP B 132 -0.92 11.04 -19.84
CA ASP B 132 -2.07 10.94 -20.75
C ASP B 132 -3.05 9.86 -20.33
N PHE B 133 -2.78 9.10 -19.28
CA PHE B 133 -3.68 8.02 -18.91
C PHE B 133 -3.99 8.02 -17.44
N THR B 134 -3.70 9.13 -16.77
CA THR B 134 -4.00 9.21 -15.37
C THR B 134 -4.89 10.42 -15.16
N HIS B 135 -5.64 10.37 -14.09
CA HIS B 135 -6.39 11.53 -13.66
C HIS B 135 -5.53 12.78 -13.50
N PRO B 136 -5.88 13.88 -14.16
CA PRO B 136 -5.13 15.14 -14.03
C PRO B 136 -4.94 15.61 -12.61
N CYS B 137 -5.96 15.50 -11.77
CA CYS B 137 -5.75 15.87 -10.38
C CYS B 137 -4.77 14.97 -9.66
N ASP B 138 -4.23 13.92 -10.30
CA ASP B 138 -3.13 13.16 -9.73
C ASP B 138 -1.80 13.50 -10.37
N HIS B 139 -1.84 14.15 -11.53
CA HIS B 139 -0.62 14.43 -12.27
C HIS B 139 0.46 15.05 -11.40
N GLU B 140 0.11 16.06 -10.60
CA GLU B 140 1.13 16.70 -9.77
C GLU B 140 1.80 15.71 -8.84
N GLU B 141 1.00 14.93 -8.10
CA GLU B 141 1.54 13.95 -7.16
C GLU B 141 2.45 12.98 -7.89
N ILE B 142 2.02 12.53 -9.08
CA ILE B 142 2.83 11.65 -9.89
C ILE B 142 4.17 12.30 -10.21
N ARG B 143 4.12 13.57 -10.64
CA ARG B 143 5.31 14.35 -10.93
C ARG B 143 6.29 14.35 -9.77
N GLU B 144 5.81 14.69 -8.57
CA GLU B 144 6.63 14.63 -7.37
C GLU B 144 7.23 13.24 -7.18
N ASN B 145 6.44 12.18 -7.41
CA ASN B 145 6.99 10.85 -7.22
C ASN B 145 7.95 10.39 -8.31
N LEU B 146 7.89 10.93 -9.53
CA LEU B 146 8.90 10.60 -10.54
C LEU B 146 10.25 11.24 -10.25
N THR B 147 10.28 12.20 -9.33
CA THR B 147 11.36 13.17 -9.21
C THR B 147 12.18 12.85 -7.97
N LEU B 148 13.50 13.00 -8.11
CA LEU B 148 14.46 13.04 -6.99
C LEU B 148 14.53 11.76 -6.18
N SER B 162 15.70 9.95 -0.37
CA SER B 162 15.34 8.54 -0.30
C SER B 162 14.63 8.07 -1.57
N THR B 163 14.87 6.82 -1.95
CA THR B 163 14.41 6.31 -3.23
C THR B 163 13.06 5.64 -3.19
N GLU B 164 12.54 5.36 -2.01
CA GLU B 164 11.32 4.56 -1.89
C GLU B 164 10.12 5.42 -2.25
N ARG B 165 9.17 4.82 -2.95
CA ARG B 165 7.97 5.50 -3.40
C ARG B 165 6.77 4.62 -3.07
N ASP B 166 5.72 5.28 -2.59
CA ASP B 166 4.46 4.62 -2.30
C ASP B 166 3.38 5.70 -2.39
N PHE B 167 2.44 5.52 -3.29
CA PHE B 167 1.32 6.44 -3.38
C PHE B 167 0.16 5.72 -4.05
N PHE B 168 -0.89 6.49 -4.32
CA PHE B 168 -2.07 5.99 -5.01
C PHE B 168 -2.36 6.86 -6.21
N MET B 169 -2.68 6.23 -7.34
CA MET B 169 -2.91 6.97 -8.56
C MET B 169 -4.05 6.37 -9.37
N ARG B 170 -4.94 7.26 -9.81
CA ARG B 170 -6.07 6.90 -10.65
C ARG B 170 -5.66 6.85 -12.13
N MET B 171 -5.83 5.68 -12.76
CA MET B 171 -5.49 5.38 -14.15
C MET B 171 -6.69 4.84 -14.93
N LYS B 172 -6.72 5.14 -16.24
CA LYS B 172 -7.81 4.70 -17.11
C LYS B 172 -7.91 3.19 -17.23
N CYS B 173 -9.13 2.70 -17.19
CA CYS B 173 -9.43 1.28 -17.17
C CYS B 173 -10.55 1.03 -18.16
N THR B 174 -10.36 0.03 -19.02
CA THR B 174 -11.27 -0.27 -20.11
C THR B 174 -11.55 -1.76 -20.15
N VAL B 175 -11.48 -2.41 -19.01
CA VAL B 175 -12.03 -3.74 -18.83
C VAL B 175 -13.14 -3.61 -17.77
N THR B 176 -14.22 -4.35 -17.95
CA THR B 176 -15.41 -4.22 -17.11
C THR B 176 -15.39 -5.25 -15.99
N ASN B 177 -16.13 -4.95 -14.92
CA ASN B 177 -16.27 -5.93 -13.84
C ASN B 177 -16.88 -7.19 -14.42
N ARG B 178 -16.16 -8.30 -14.26
CA ARG B 178 -16.48 -9.60 -14.86
C ARG B 178 -16.27 -9.56 -16.37
N GLY B 179 -15.04 -9.81 -16.81
CA GLY B 179 -14.74 -10.17 -18.19
C GLY B 179 -14.63 -9.09 -19.25
N ARG B 180 -15.75 -8.43 -19.54
CA ARG B 180 -15.94 -7.71 -20.79
C ARG B 180 -14.98 -6.51 -20.91
N THR B 181 -15.06 -5.81 -22.04
CA THR B 181 -14.10 -4.76 -22.37
C THR B 181 -14.84 -3.61 -23.05
N VAL B 182 -14.40 -2.37 -22.80
CA VAL B 182 -15.00 -1.17 -23.39
C VAL B 182 -14.00 -0.40 -24.24
N ASN B 183 -14.42 0.75 -24.77
CA ASN B 183 -13.60 1.60 -25.63
C ASN B 183 -13.09 2.82 -24.87
N LEU B 184 -11.97 3.36 -25.34
CA LEU B 184 -11.17 4.32 -24.58
C LEU B 184 -11.95 5.54 -24.11
N LYS B 185 -12.98 5.95 -24.84
CA LYS B 185 -13.83 7.04 -24.38
C LYS B 185 -14.70 6.60 -23.22
N SER B 186 -15.15 5.35 -23.25
CA SER B 186 -15.92 4.76 -22.16
C SER B 186 -15.04 4.29 -21.01
N ALA B 187 -13.97 5.03 -20.70
CA ALA B 187 -12.96 4.58 -19.75
C ALA B 187 -13.34 5.01 -18.33
N THR B 188 -13.29 4.05 -17.40
CA THR B 188 -13.44 4.34 -15.98
C THR B 188 -12.07 4.66 -15.38
N TRP B 189 -12.08 5.39 -14.28
CA TRP B 189 -10.87 5.58 -13.49
C TRP B 189 -10.74 4.48 -12.44
N LYS B 190 -9.55 3.90 -12.33
CA LYS B 190 -9.27 2.86 -11.35
C LYS B 190 -8.12 3.35 -10.49
N VAL B 191 -8.24 3.18 -9.18
CA VAL B 191 -7.16 3.54 -8.27
C VAL B 191 -6.18 2.40 -8.18
N LEU B 192 -4.88 2.72 -8.25
CA LEU B 192 -3.76 1.78 -8.13
C LEU B 192 -2.87 2.16 -6.96
N HIS B 193 -2.51 1.15 -6.18
CA HIS B 193 -1.47 1.27 -5.16
C HIS B 193 -0.12 1.07 -5.82
N CYS B 194 0.71 2.10 -5.84
CA CYS B 194 2.01 2.01 -6.47
C CYS B 194 3.12 2.06 -5.41
N THR B 195 3.98 1.03 -5.43
CA THR B 195 5.15 0.98 -4.56
C THR B 195 6.36 0.57 -5.38
N GLY B 196 7.44 1.34 -5.28
CA GLY B 196 8.69 0.94 -5.90
C GLY B 196 9.83 1.84 -5.48
N GLN B 197 10.89 1.87 -6.29
CA GLN B 197 11.94 2.86 -6.12
C GLN B 197 12.09 3.73 -7.36
N VAL B 198 12.39 4.99 -7.08
CA VAL B 198 13.02 5.90 -8.04
C VAL B 198 14.52 5.61 -8.06
N ARG B 199 15.15 5.72 -9.23
CA ARG B 199 16.46 5.13 -9.41
C ARG B 199 17.22 5.77 -10.57
N VAL B 200 18.53 5.81 -10.46
CA VAL B 200 19.29 6.37 -11.56
C VAL B 200 19.91 5.24 -12.40
N LEU B 218 19.71 10.86 -15.92
CA LEU B 218 18.49 10.21 -16.35
C LEU B 218 17.92 9.35 -15.22
N SER B 219 16.63 9.52 -14.92
CA SER B 219 16.01 8.91 -13.76
C SER B 219 14.81 8.05 -14.16
N CYS B 220 14.58 6.96 -13.45
CA CYS B 220 13.39 6.15 -13.67
C CYS B 220 12.64 5.91 -12.37
N LEU B 221 11.38 5.55 -12.53
CA LEU B 221 10.54 5.10 -11.45
C LEU B 221 10.15 3.68 -11.82
N ILE B 222 10.55 2.71 -10.99
CA ILE B 222 10.16 1.31 -11.09
C ILE B 222 9.15 1.04 -10.00
N ILE B 223 7.88 0.76 -10.41
CA ILE B 223 6.79 0.52 -9.46
C ILE B 223 6.03 -0.76 -9.77
N MET B 224 5.42 -1.29 -8.72
CA MET B 224 4.36 -2.26 -8.85
C MET B 224 3.04 -1.58 -8.50
N CYS B 225 2.03 -1.83 -9.33
CA CYS B 225 0.73 -1.18 -9.23
C CYS B 225 -0.29 -2.29 -9.00
N GLU B 226 -0.91 -2.25 -7.83
CA GLU B 226 -1.94 -3.21 -7.52
C GLU B 226 -3.29 -2.51 -7.50
N PRO B 227 -4.25 -3.03 -8.23
CA PRO B 227 -5.61 -2.56 -8.03
C PRO B 227 -6.08 -2.97 -6.65
N ILE B 228 -6.99 -2.18 -6.08
CA ILE B 228 -7.61 -2.48 -4.81
C ILE B 228 -8.98 -3.11 -5.07
N GLN B 229 -9.09 -4.41 -4.80
CA GLN B 229 -10.31 -5.16 -5.08
C GLN B 229 -11.54 -4.47 -4.49
N HIS B 230 -12.57 -4.27 -5.32
CA HIS B 230 -13.82 -3.64 -4.87
C HIS B 230 -14.59 -4.64 -4.02
N PRO B 231 -14.99 -4.25 -2.82
CA PRO B 231 -15.51 -5.27 -1.88
C PRO B 231 -16.82 -5.90 -2.34
N SER B 232 -17.64 -5.19 -3.14
CA SER B 232 -18.81 -5.82 -3.71
C SER B 232 -18.42 -6.90 -4.73
N HIS B 233 -17.35 -6.67 -5.49
CA HIS B 233 -16.88 -7.60 -6.51
C HIS B 233 -15.60 -8.30 -6.01
N MET B 234 -15.75 -9.44 -5.35
CA MET B 234 -14.54 -10.12 -4.89
C MET B 234 -14.26 -11.43 -5.61
N ASP B 235 -13.40 -11.37 -6.63
CA ASP B 235 -12.79 -12.52 -7.22
C ASP B 235 -12.12 -13.40 -6.20
N ILE B 236 -11.61 -12.79 -5.14
CA ILE B 236 -10.62 -13.43 -4.28
C ILE B 236 -11.27 -13.87 -2.97
N PRO B 237 -10.94 -15.06 -2.48
CA PRO B 237 -11.53 -15.56 -1.24
C PRO B 237 -10.99 -14.80 -0.02
N LEU B 238 -11.54 -15.15 1.15
CA LEU B 238 -11.17 -14.46 2.40
C LEU B 238 -11.10 -15.45 3.57
N ASP B 239 -10.10 -15.28 4.44
CA ASP B 239 -9.87 -16.19 5.55
C ASP B 239 -10.54 -15.66 6.84
N SER B 240 -10.40 -16.43 7.93
CA SER B 240 -11.02 -16.06 9.21
C SER B 240 -10.48 -14.74 9.75
N LYS B 241 -9.27 -14.36 9.35
CA LYS B 241 -8.57 -13.26 9.97
C LYS B 241 -8.83 -11.91 9.27
N THR B 242 -9.91 -11.80 8.49
CA THR B 242 -10.31 -10.51 7.94
C THR B 242 -11.81 -10.35 8.15
N PHE B 243 -12.25 -9.11 8.32
CA PHE B 243 -13.65 -8.85 8.59
C PHE B 243 -14.02 -7.48 7.99
N LEU B 244 -15.32 -7.31 7.69
CA LEU B 244 -15.81 -6.13 6.99
C LEU B 244 -16.44 -5.13 7.94
N SER B 245 -16.42 -3.86 7.53
CA SER B 245 -17.00 -2.81 8.36
C SER B 245 -17.45 -1.67 7.45
N ARG B 246 -18.45 -0.93 7.89
CA ARG B 246 -19.13 0.04 7.04
C ARG B 246 -19.24 1.34 7.81
N HIS B 247 -18.92 2.45 7.17
CA HIS B 247 -18.73 3.65 7.94
C HIS B 247 -19.45 4.82 7.31
N SER B 248 -19.95 5.70 8.17
CA SER B 248 -20.35 7.00 7.71
C SER B 248 -19.15 7.80 7.20
N MET B 249 -19.43 8.89 6.48
CA MET B 249 -18.31 9.65 5.93
C MET B 249 -17.55 10.42 7.01
N ASP B 250 -18.20 10.69 8.14
CA ASP B 250 -17.55 11.04 9.40
C ASP B 250 -16.89 9.83 10.10
N MET B 251 -16.63 8.75 9.36
CA MET B 251 -15.91 7.52 9.77
C MET B 251 -16.52 6.81 10.98
N LYS B 252 -17.83 6.96 11.18
CA LYS B 252 -18.58 6.27 12.22
C LYS B 252 -18.80 4.83 11.84
N PHE B 253 -19.28 4.06 12.77
CA PHE B 253 -19.48 2.64 12.52
C PHE B 253 -20.96 2.45 12.22
N THR B 254 -21.30 2.27 10.95
CA THR B 254 -22.70 1.97 10.62
C THR B 254 -22.99 0.47 10.61
N TYR B 255 -22.02 -0.36 10.29
CA TYR B 255 -22.17 -1.81 10.27
C TYR B 255 -20.82 -2.41 10.51
N CYS B 256 -20.78 -3.54 11.20
CA CYS B 256 -19.53 -4.23 11.32
C CYS B 256 -19.77 -5.72 11.18
N ASP B 257 -18.77 -6.43 10.68
CA ASP B 257 -18.81 -7.88 10.60
C ASP B 257 -19.02 -8.46 11.99
N ASP B 258 -19.08 -9.76 12.07
CA ASP B 258 -19.36 -10.43 13.31
C ASP B 258 -18.19 -11.25 13.81
N ARG B 259 -17.16 -11.49 12.98
CA ARG B 259 -15.94 -12.09 13.51
C ARG B 259 -15.14 -11.09 14.32
N ILE B 260 -15.58 -9.83 14.36
CA ILE B 260 -14.85 -8.81 15.11
C ILE B 260 -14.72 -9.20 16.57
N LEU B 261 -15.71 -9.92 17.09
CA LEU B 261 -15.63 -10.38 18.47
C LEU B 261 -14.44 -11.33 18.59
N GLU B 262 -14.54 -12.51 17.97
CA GLU B 262 -13.53 -13.54 18.15
C GLU B 262 -12.13 -13.04 17.83
N LEU B 263 -12.01 -12.00 17.01
CA LEU B 263 -10.70 -11.50 16.69
C LEU B 263 -10.23 -10.40 17.63
N ILE B 264 -11.15 -9.66 18.24
CA ILE B 264 -10.77 -8.48 19.02
C ILE B 264 -11.60 -8.41 20.30
N GLY B 265 -12.82 -8.87 20.23
CA GLY B 265 -13.67 -8.96 21.40
C GLY B 265 -14.82 -8.00 21.39
N TYR B 266 -14.86 -7.07 20.44
CA TYR B 266 -16.01 -6.19 20.31
C TYR B 266 -17.19 -6.92 19.69
N HIS B 267 -18.41 -6.68 20.26
CA HIS B 267 -19.68 -6.96 19.60
C HIS B 267 -20.07 -5.76 18.71
N PRO B 268 -20.59 -6.02 17.51
CA PRO B 268 -20.88 -4.89 16.60
C PRO B 268 -21.72 -3.78 17.20
N GLU B 269 -22.72 -4.14 18.02
CA GLU B 269 -23.58 -3.15 18.66
C GLU B 269 -22.75 -2.03 19.31
N GLU B 270 -21.79 -2.41 20.16
CA GLU B 270 -20.95 -1.46 20.90
C GLU B 270 -20.29 -0.43 19.99
N LEU B 271 -19.78 -0.86 18.84
CA LEU B 271 -19.05 0.01 17.93
C LEU B 271 -19.96 1.04 17.21
N LEU B 272 -21.21 0.65 16.84
CA LEU B 272 -22.04 1.53 15.99
C LEU B 272 -22.05 2.97 16.50
N GLY B 273 -22.23 3.92 15.59
CA GLY B 273 -22.21 5.32 16.00
C GLY B 273 -21.01 5.69 16.84
N ARG B 274 -19.96 4.90 16.81
CA ARG B 274 -18.67 5.33 17.36
C ARG B 274 -17.66 5.66 16.24
N SER B 275 -17.01 6.82 16.39
CA SER B 275 -15.99 7.23 15.43
C SER B 275 -14.82 6.25 15.50
N ALA B 276 -14.34 5.77 14.36
CA ALA B 276 -13.20 4.89 14.37
C ALA B 276 -12.03 5.46 15.12
N TYR B 277 -11.93 6.80 15.21
CA TYR B 277 -10.85 7.40 15.99
C TYR B 277 -10.85 6.96 17.46
N GLU B 278 -11.98 6.46 17.96
CA GLU B 278 -12.03 5.97 19.32
C GLU B 278 -11.08 4.80 19.57
N PHE B 279 -10.72 4.05 18.53
CA PHE B 279 -10.03 2.79 18.70
C PHE B 279 -8.65 2.79 18.12
N TYR B 280 -8.24 3.86 17.47
CA TYR B 280 -6.85 3.92 17.03
C TYR B 280 -5.91 4.06 18.22
N HIS B 281 -4.86 3.28 18.22
CA HIS B 281 -3.75 3.66 19.06
C HIS B 281 -3.39 5.09 18.70
N ALA B 282 -3.25 5.93 19.73
CA ALA B 282 -3.05 7.35 19.45
C ALA B 282 -1.89 7.54 18.51
N LEU B 283 -0.85 6.74 18.69
CA LEU B 283 0.34 6.85 17.86
C LEU B 283 0.04 6.64 16.40
N ASP B 284 -1.17 6.21 16.04
CA ASP B 284 -1.56 5.95 14.67
C ASP B 284 -2.40 7.06 14.07
N SER B 285 -3.14 7.79 14.90
CA SER B 285 -4.28 8.55 14.40
C SER B 285 -3.89 9.42 13.21
N GLU B 286 -2.78 10.16 13.31
CA GLU B 286 -2.36 11.03 12.21
C GLU B 286 -2.25 10.25 10.92
N ASN B 287 -1.43 9.18 10.92
CA ASN B 287 -1.33 8.36 9.72
C ASN B 287 -2.71 8.02 9.18
N MET B 288 -3.60 7.54 10.05
CA MET B 288 -4.94 7.16 9.63
C MET B 288 -5.69 8.31 8.94
N THR B 289 -5.65 9.53 9.49
CA THR B 289 -6.39 10.60 8.83
C THR B 289 -5.88 10.83 7.41
N LYS B 290 -4.57 10.79 7.21
CA LYS B 290 -4.08 10.99 5.84
C LYS B 290 -4.63 9.92 4.94
N SER B 291 -4.62 8.66 5.40
CA SER B 291 -5.17 7.61 4.57
C SER B 291 -6.59 7.97 4.20
N HIS B 292 -7.35 8.39 5.19
CA HIS B 292 -8.73 8.77 4.93
C HIS B 292 -8.80 9.86 3.87
N GLN B 293 -8.02 10.91 4.05
CA GLN B 293 -8.05 11.97 3.07
C GLN B 293 -7.68 11.44 1.70
N ASN B 294 -6.66 10.60 1.61
CA ASN B 294 -6.35 9.97 0.33
C ASN B 294 -7.58 9.24 -0.19
N LEU B 295 -8.18 8.38 0.66
CA LEU B 295 -9.40 7.66 0.29
C LEU B 295 -10.48 8.57 -0.27
N CYS B 296 -10.61 9.78 0.26
CA CYS B 296 -11.68 10.64 -0.24
C CYS B 296 -11.29 11.38 -1.51
N THR B 297 -10.02 11.72 -1.70
CA THR B 297 -9.64 12.37 -2.95
C THR B 297 -9.79 11.40 -4.13
N LYS B 298 -9.44 10.13 -3.94
CA LYS B 298 -9.24 9.21 -5.05
C LYS B 298 -10.27 8.11 -5.13
N GLY B 299 -10.85 7.69 -4.01
CA GLY B 299 -12.00 6.80 -4.00
C GLY B 299 -11.72 5.44 -3.39
N GLN B 300 -10.47 5.00 -3.40
CA GLN B 300 -10.07 3.81 -2.67
C GLN B 300 -8.80 4.13 -1.91
N VAL B 301 -8.35 3.24 -1.04
CA VAL B 301 -7.09 3.43 -0.34
C VAL B 301 -6.73 2.12 0.34
N VAL B 302 -5.43 1.93 0.61
CA VAL B 302 -4.97 0.93 1.56
C VAL B 302 -4.28 1.68 2.69
N SER B 303 -4.70 1.39 3.93
CA SER B 303 -4.03 2.01 5.06
C SER B 303 -2.61 1.44 5.19
N GLY B 304 -1.77 2.15 5.91
CA GLY B 304 -0.61 1.50 6.45
C GLY B 304 -1.06 0.59 7.56
N GLN B 305 -0.11 -0.11 8.16
CA GLN B 305 -0.60 -0.90 9.28
C GLN B 305 -0.77 0.01 10.50
N TYR B 306 -1.64 -0.44 11.40
CA TYR B 306 -1.99 0.33 12.59
C TYR B 306 -2.60 -0.65 13.57
N ARG B 307 -2.69 -0.25 14.83
CA ARG B 307 -3.20 -1.16 15.86
C ARG B 307 -4.52 -0.64 16.38
N MET B 308 -5.52 -1.50 16.43
CA MET B 308 -6.78 -1.17 17.06
C MET B 308 -6.76 -1.61 18.50
N LEU B 309 -7.20 -0.72 19.39
CA LEU B 309 -7.41 -1.06 20.79
C LEU B 309 -8.41 -2.22 20.89
N ALA B 310 -7.93 -3.36 21.39
CA ALA B 310 -8.83 -4.49 21.60
C ALA B 310 -9.67 -4.18 22.82
N LYS B 311 -10.65 -5.04 23.12
CA LYS B 311 -11.63 -4.66 24.14
C LYS B 311 -11.15 -4.81 25.59
N HIS B 312 -10.47 -5.90 25.94
CA HIS B 312 -10.08 -6.19 27.32
C HIS B 312 -8.65 -5.76 27.64
N GLY B 313 -8.24 -4.60 27.12
CA GLY B 313 -6.84 -4.23 27.13
C GLY B 313 -6.10 -4.80 25.92
N GLY B 314 -4.87 -4.31 25.74
CA GLY B 314 -4.06 -4.69 24.60
C GLY B 314 -4.57 -4.10 23.29
N TYR B 315 -4.00 -4.59 22.18
CA TYR B 315 -4.35 -4.11 20.84
C TYR B 315 -4.00 -5.16 19.79
N VAL B 316 -4.49 -4.96 18.56
CA VAL B 316 -4.14 -5.83 17.43
C VAL B 316 -3.67 -5.02 16.23
N ALA B 317 -2.72 -5.61 15.49
CA ALA B 317 -2.20 -5.08 14.23
C ALA B 317 -3.26 -5.30 13.14
N LEU B 318 -3.90 -4.24 12.67
CA LEU B 318 -4.73 -4.28 11.47
C LEU B 318 -4.12 -3.51 10.31
N GLU B 319 -4.64 -3.89 9.14
CA GLU B 319 -4.38 -3.21 7.88
C GLU B 319 -5.65 -3.36 7.06
N THR B 320 -6.23 -2.22 6.67
CA THR B 320 -7.54 -2.08 6.06
C THR B 320 -7.36 -1.48 4.67
N GLN B 321 -8.08 -2.03 3.69
CA GLN B 321 -8.34 -1.37 2.41
C GLN B 321 -9.77 -0.88 2.38
N GLY B 322 -9.98 0.34 1.87
CA GLY B 322 -11.30 0.96 1.93
C GLY B 322 -11.73 1.62 0.64
N THR B 323 -13.05 1.69 0.50
CA THR B 323 -13.75 2.07 -0.72
C THR B 323 -14.91 2.95 -0.36
N VAL B 324 -15.00 4.15 -0.91
CA VAL B 324 -16.28 4.83 -0.76
C VAL B 324 -17.21 4.15 -1.74
N ILE B 325 -18.44 3.89 -1.33
CA ILE B 325 -19.44 3.39 -2.25
C ILE B 325 -20.46 4.48 -2.48
N TYR B 326 -20.73 4.74 -3.75
CA TYR B 326 -21.66 5.77 -4.17
C TYR B 326 -23.07 5.21 -4.28
N ASN B 327 -24.02 6.06 -4.00
CA ASN B 327 -25.39 5.77 -4.34
C ASN B 327 -25.52 5.73 -5.84
N PRO B 328 -25.93 4.59 -6.44
CA PRO B 328 -25.98 4.53 -7.90
C PRO B 328 -27.12 5.34 -8.51
N ARG B 329 -28.25 5.47 -7.83
CA ARG B 329 -29.31 6.33 -8.32
C ARG B 329 -29.02 7.79 -7.98
N ASN B 330 -28.69 8.05 -6.72
CA ASN B 330 -28.57 9.41 -6.24
C ASN B 330 -27.29 10.05 -6.78
N LEU B 331 -26.24 9.26 -6.93
CA LEU B 331 -24.92 9.61 -7.42
C LEU B 331 -24.08 10.28 -6.35
N GLN B 332 -24.63 10.49 -5.16
CA GLN B 332 -23.85 10.94 -4.02
C GLN B 332 -23.19 9.74 -3.40
N PRO B 333 -22.24 9.94 -2.51
CA PRO B 333 -21.62 8.77 -1.86
C PRO B 333 -22.28 8.40 -0.54
N GLN B 334 -22.66 7.12 -0.43
CA GLN B 334 -23.37 6.60 0.74
C GLN B 334 -22.45 6.50 1.95
N CYS B 335 -21.37 5.74 1.82
CA CYS B 335 -20.61 5.35 2.99
C CYS B 335 -19.19 4.99 2.57
N ILE B 336 -18.53 4.20 3.41
CA ILE B 336 -17.21 3.67 3.12
C ILE B 336 -17.19 2.21 3.53
N MET B 337 -16.82 1.36 2.58
CA MET B 337 -16.65 -0.06 2.87
C MET B 337 -15.19 -0.32 3.21
N CYS B 338 -14.95 -0.90 4.38
CA CYS B 338 -13.62 -1.30 4.84
C CYS B 338 -13.54 -2.81 4.88
N VAL B 339 -12.48 -3.35 4.29
CA VAL B 339 -12.08 -4.74 4.44
C VAL B 339 -10.86 -4.74 5.35
N ASN B 340 -10.94 -5.46 6.47
CA ASN B 340 -9.97 -5.28 7.55
C ASN B 340 -9.18 -6.55 7.82
N TYR B 341 -7.86 -6.47 7.67
CA TYR B 341 -6.95 -7.60 7.79
C TYR B 341 -6.29 -7.54 9.16
N VAL B 342 -6.65 -8.48 10.03
CA VAL B 342 -5.94 -8.58 11.31
C VAL B 342 -4.64 -9.33 11.05
N LEU B 343 -3.54 -8.78 11.56
CA LEU B 343 -2.22 -9.34 11.31
C LEU B 343 -1.64 -10.01 12.54
N SER B 344 -2.33 -9.92 13.68
CA SER B 344 -1.77 -10.40 14.94
C SER B 344 -2.88 -10.84 15.87
N GLU B 345 -2.45 -11.57 16.90
CA GLU B 345 -3.19 -11.76 18.14
C GLU B 345 -3.24 -10.43 18.89
N ILE B 346 -3.76 -10.45 20.09
CA ILE B 346 -3.72 -9.26 20.92
C ILE B 346 -2.34 -9.16 21.52
N GLU B 347 -1.83 -7.94 21.57
CA GLU B 347 -0.50 -7.65 22.06
C GLU B 347 -0.67 -6.78 23.30
N LYS B 348 0.14 -7.02 24.32
CA LYS B 348 0.21 -6.16 25.49
C LYS B 348 -1.17 -6.00 26.16
N ASN B 349 -1.84 -7.12 26.39
CA ASN B 349 -3.12 -7.08 27.08
C ASN B 349 -2.99 -6.97 28.60
N ASP B 350 -1.78 -7.06 29.15
CA ASP B 350 -1.48 -6.46 30.44
C ASP B 350 -2.03 -5.04 30.47
N VAL B 351 -1.58 -4.24 29.49
CA VAL B 351 -1.73 -2.80 29.48
C VAL B 351 -3.17 -2.45 29.09
N VAL B 352 -3.72 -1.47 29.79
CA VAL B 352 -4.99 -0.85 29.46
C VAL B 352 -4.70 0.54 28.92
N PHE B 353 -4.95 0.74 27.62
CA PHE B 353 -4.62 2.02 27.02
C PHE B 353 -5.78 2.99 27.09
N SER B 354 -7.00 2.50 27.20
CA SER B 354 -8.19 3.30 26.99
C SER B 354 -9.22 3.08 28.09
N MET B 355 -10.22 3.96 28.12
CA MET B 355 -11.33 3.79 29.06
C MET B 355 -12.13 2.53 28.77
N ASP B 356 -12.31 2.22 27.49
CA ASP B 356 -13.05 1.03 27.08
C ASP B 356 -12.49 -0.25 27.71
N GLN B 357 -11.19 -0.28 27.94
CA GLN B 357 -10.52 -1.49 28.38
C GLN B 357 -10.50 -1.61 29.90
N THR B 358 -11.26 -0.77 30.59
CA THR B 358 -11.32 -0.78 32.05
C THR B 358 -12.58 -1.49 32.54
N GLU B 359 -13.75 -1.08 32.05
CA GLU B 359 -15.03 -1.63 32.46
C GLU B 359 -15.06 -3.17 32.54
#